data_7GS9
#
_entry.id   7GS9
#
_cell.length_a   90.464
_cell.length_b   90.464
_cell.length_c   107.007
_cell.angle_alpha   90.000
_cell.angle_beta   90.000
_cell.angle_gamma   120.000
#
_symmetry.space_group_name_H-M   'P 31 2 1'
#
loop_
_entity.id
_entity.type
_entity.pdbx_description
1 polymer 'Tyrosine-protein phosphatase non-receptor type 1'
2 non-polymer 2-AMINO-2-HYDROXYMETHYL-PROPANE-1,3-DIOL
3 non-polymer ~{N}-[2-(aminocarbamoyl)phenyl]ethanamide
4 water water
#
_entity_poly.entity_id   1
_entity_poly.type   'polypeptide(L)'
_entity_poly.pdbx_seq_one_letter_code
;MEMEKEFEQIDKSGSWAAIYQDIRHEASDFPSRVAKLPKNKNRNRYRDVSPFDHSRIKLHQEDNDYINASLIKMEEAQRS
YILTQGPLPNTVGHFWEMVWEQKSRGVVMLNRVMEKGSLKCAQYWPQKEEKEMIFEDTNLKLTLISEDIKSYYTVRQLEL
ENLTTQETREILHFHYTTWPDFGVPESPASFLNFLFKVRESGSLSPEHGPVVVHCSAGIGRSGTFCLADTCLLLMDKRKD
PSSVDIKKVLLEMRKFRMGLIQTADQLRFSYLAVIEGAKFIMGDSSVQDQWKELSHEDLEPPPEHIPPPPRPPKRILEPH
N
;
_entity_poly.pdbx_strand_id   A
#
loop_
_chem_comp.id
_chem_comp.type
_chem_comp.name
_chem_comp.formula
LV7 non-polymer ~{N}-[2-(aminocarbamoyl)phenyl]ethanamide 'C9 H11 N3 O2'
TRS non-polymer 2-AMINO-2-HYDROXYMETHYL-PROPANE-1,3-DIOL 'C4 H12 N O3 1'
#
# COMPACT_ATOMS: atom_id res chain seq x y z
N MET A 1 26.26 6.55 6.38
CA MET A 1 26.30 8.01 6.03
C MET A 1 24.93 8.63 6.30
N GLU A 2 24.83 9.50 7.34
CA GLU A 2 23.61 10.30 7.63
C GLU A 2 22.91 10.58 6.28
N MET A 3 21.62 10.22 6.18
CA MET A 3 20.84 10.30 4.92
C MET A 3 20.61 11.77 4.53
N GLU A 4 20.45 12.67 5.50
CA GLU A 4 20.30 14.14 5.30
C GLU A 4 21.49 14.70 4.50
N LYS A 5 22.70 14.18 4.73
CA LYS A 5 23.94 14.62 4.05
C LYS A 5 23.97 13.96 2.66
N GLU A 6 23.78 12.65 2.60
CA GLU A 6 23.61 11.90 1.33
C GLU A 6 22.60 12.66 0.45
N PHE A 7 21.53 13.20 1.05
CA PHE A 7 20.39 13.86 0.35
C PHE A 7 20.90 15.12 -0.37
N GLU A 8 21.54 16.01 0.39
CA GLU A 8 22.09 17.30 -0.11
C GLU A 8 23.14 17.02 -1.18
N GLN A 9 23.94 15.97 -1.00
CA GLN A 9 25.01 15.54 -1.96
C GLN A 9 24.37 15.09 -3.29
N ILE A 10 23.29 14.28 -3.24
CA ILE A 10 22.57 13.86 -4.48
C ILE A 10 21.89 15.10 -5.10
N ASP A 11 21.31 15.97 -4.27
CA ASP A 11 20.53 17.13 -4.77
C ASP A 11 21.48 18.11 -5.48
N LYS A 12 22.59 18.47 -4.84
CA LYS A 12 23.56 19.44 -5.42
C LYS A 12 24.12 18.85 -6.73
N SER A 13 24.40 17.55 -6.77
CA SER A 13 24.94 16.86 -7.98
C SER A 13 23.85 16.57 -8.99
N GLY A 14 22.57 16.69 -8.61
CA GLY A 14 21.41 16.30 -9.44
C GLY A 14 21.58 14.90 -10.01
N SER A 15 21.80 13.90 -9.16
CA SER A 15 22.01 12.50 -9.60
C SER A 15 20.84 11.59 -9.20
N TRP A 16 19.65 12.14 -8.95
CA TRP A 16 18.50 11.31 -8.49
C TRP A 16 18.23 10.21 -9.53
N ALA A 17 18.30 10.54 -10.83
CA ALA A 17 17.96 9.59 -11.92
C ALA A 17 18.93 8.39 -11.88
N ALA A 18 20.20 8.66 -11.58
CA ALA A 18 21.32 7.68 -11.55
C ALA A 18 21.23 6.75 -10.33
N ILE A 19 20.98 7.29 -9.14
CA ILE A 19 20.67 6.47 -7.92
C ILE A 19 19.50 5.54 -8.28
N TYR A 20 18.42 6.09 -8.86
CA TYR A 20 17.15 5.35 -9.03
C TYR A 20 17.42 4.16 -9.96
N GLN A 21 18.14 4.38 -11.07
CA GLN A 21 18.45 3.30 -12.03
C GLN A 21 19.35 2.24 -11.40
N ASP A 22 20.25 2.60 -10.48
CA ASP A 22 21.10 1.63 -9.74
C ASP A 22 20.20 0.65 -8.96
N ILE A 23 19.19 1.16 -8.26
CA ILE A 23 18.16 0.34 -7.56
C ILE A 23 17.46 -0.61 -8.55
N ARG A 24 16.99 -0.06 -9.67
CA ARG A 24 16.27 -0.86 -10.70
C ARG A 24 17.16 -2.02 -11.15
N HIS A 25 18.43 -1.74 -11.43
CA HIS A 25 19.43 -2.75 -11.86
C HIS A 25 19.69 -3.84 -10.79
N GLU A 26 19.74 -3.52 -9.50
CA GLU A 26 20.11 -4.50 -8.44
C GLU A 26 18.87 -5.22 -7.88
N ALA A 27 17.67 -4.83 -8.27
CA ALA A 27 16.41 -5.32 -7.66
C ALA A 27 16.23 -6.80 -7.99
N SER A 28 15.64 -7.52 -7.06
CA SER A 28 15.32 -8.96 -7.20
C SER A 28 14.45 -9.23 -8.42
N ASP A 29 14.62 -10.42 -9.01
CA ASP A 29 13.76 -10.93 -10.09
C ASP A 29 13.35 -12.35 -9.71
N PHE A 30 12.07 -12.59 -9.48
CA PHE A 30 11.54 -13.91 -9.09
C PHE A 30 10.39 -14.25 -10.03
N PRO A 31 10.03 -15.53 -10.19
CA PRO A 31 8.91 -15.92 -11.04
C PRO A 31 7.56 -15.42 -10.52
N SER A 32 6.70 -15.04 -11.49
CA SER A 32 5.29 -14.65 -11.34
C SER A 32 4.40 -15.53 -12.22
N ARG A 33 4.53 -16.84 -12.13
CA ARG A 33 3.86 -17.76 -13.10
C ARG A 33 2.34 -17.76 -12.90
N VAL A 34 1.84 -17.74 -11.66
CA VAL A 34 0.36 -17.78 -11.41
C VAL A 34 -0.29 -16.52 -12.03
N ALA A 35 0.30 -15.35 -11.86
CA ALA A 35 -0.22 -14.06 -12.37
C ALA A 35 -0.39 -14.13 -13.89
N LYS A 36 0.48 -14.84 -14.59
CA LYS A 36 0.49 -14.82 -16.08
C LYS A 36 -0.37 -15.94 -16.64
N LEU A 37 -0.95 -16.83 -15.84
CA LEU A 37 -1.92 -17.84 -16.35
C LEU A 37 -3.05 -17.11 -17.11
N PRO A 38 -3.51 -17.67 -18.25
CA PRO A 38 -4.58 -17.06 -19.02
C PRO A 38 -5.90 -16.88 -18.24
N LYS A 39 -6.24 -17.76 -17.30
CA LYS A 39 -7.50 -17.65 -16.51
C LYS A 39 -7.45 -16.36 -15.65
N ASN A 40 -6.30 -15.73 -15.46
CA ASN A 40 -6.12 -14.62 -14.49
C ASN A 40 -5.94 -13.30 -15.21
N LYS A 41 -6.07 -13.27 -16.54
CA LYS A 41 -5.78 -12.03 -17.30
C LYS A 41 -6.67 -10.85 -16.83
N ASN A 42 -7.96 -11.07 -16.61
CA ASN A 42 -8.91 -10.01 -16.15
C ASN A 42 -8.80 -9.79 -14.62
N ARG A 43 -7.85 -10.42 -13.92
CA ARG A 43 -7.64 -10.18 -12.47
C ARG A 43 -6.45 -9.23 -12.29
N ASN A 44 -5.90 -8.72 -13.39
CA ASN A 44 -4.69 -7.87 -13.39
C ASN A 44 -5.00 -6.55 -14.08
N ARG A 45 -4.69 -5.46 -13.41
CA ARG A 45 -4.96 -4.11 -13.95
C ARG A 45 -3.88 -3.78 -14.98
N TYR A 46 -2.61 -4.00 -14.64
CA TYR A 46 -1.46 -3.74 -15.55
C TYR A 46 -0.72 -5.06 -15.86
N ARG A 47 -0.39 -5.22 -17.13
CA ARG A 47 0.31 -6.41 -17.70
C ARG A 47 1.76 -6.50 -17.16
N ASP A 48 2.39 -5.38 -16.84
CA ASP A 48 3.80 -5.34 -16.35
C ASP A 48 3.90 -5.26 -14.80
N VAL A 49 2.80 -5.41 -14.04
CA VAL A 49 2.80 -5.40 -12.54
C VAL A 49 2.13 -6.66 -12.03
N SER A 50 2.93 -7.58 -11.49
CA SER A 50 2.49 -8.91 -11.02
C SER A 50 3.13 -9.20 -9.67
N PRO A 51 2.41 -9.94 -8.82
CA PRO A 51 2.99 -10.41 -7.56
C PRO A 51 3.90 -11.62 -7.84
N PHE A 52 5.03 -11.72 -7.12
CA PHE A 52 5.91 -12.90 -7.17
C PHE A 52 5.14 -14.09 -6.62
N ASP A 53 5.41 -15.30 -7.13
CA ASP A 53 4.72 -16.50 -6.62
C ASP A 53 5.08 -16.74 -5.14
N HIS A 54 6.33 -16.56 -4.72
CA HIS A 54 6.76 -16.91 -3.35
C HIS A 54 6.03 -16.04 -2.31
N SER A 55 5.59 -14.82 -2.65
CA SER A 55 5.09 -13.81 -1.67
C SER A 55 3.61 -13.41 -1.96
N ARG A 56 2.95 -14.00 -2.96
CA ARG A 56 1.54 -13.60 -3.31
C ARG A 56 0.57 -14.00 -2.18
N ILE A 57 -0.50 -13.21 -1.99
CA ILE A 57 -1.62 -13.57 -1.08
C ILE A 57 -2.52 -14.53 -1.81
N LYS A 58 -2.87 -15.64 -1.15
CA LYS A 58 -3.84 -16.62 -1.69
C LYS A 58 -5.23 -16.45 -1.07
N LEU A 59 -6.24 -16.34 -1.93
CA LEU A 59 -7.66 -16.45 -1.49
C LEU A 59 -7.98 -17.88 -1.05
N HIS A 60 -8.77 -18.03 0.01
CA HIS A 60 -9.12 -19.36 0.62
C HIS A 60 -10.34 -19.90 -0.11
N GLN A 61 -10.21 -20.17 -1.40
CA GLN A 61 -11.23 -20.91 -2.19
C GLN A 61 -10.53 -21.81 -3.21
N GLU A 62 -11.17 -22.93 -3.54
CA GLU A 62 -10.59 -24.04 -4.37
C GLU A 62 -10.66 -23.65 -5.86
N ASP A 63 -11.70 -22.91 -6.24
CA ASP A 63 -11.95 -22.38 -7.61
C ASP A 63 -10.65 -21.79 -8.16
N ASN A 64 -10.34 -20.54 -7.77
CA ASN A 64 -9.18 -19.75 -8.25
C ASN A 64 -8.69 -18.90 -7.09
N ASP A 65 -7.45 -19.10 -6.62
CA ASP A 65 -6.98 -18.50 -5.35
C ASP A 65 -6.24 -17.20 -5.65
N TYR A 66 -6.31 -16.72 -6.89
CA TYR A 66 -5.41 -15.65 -7.36
C TYR A 66 -5.99 -14.25 -7.08
N ILE A 67 -5.13 -13.40 -6.54
CA ILE A 67 -5.34 -11.92 -6.48
C ILE A 67 -4.00 -11.23 -6.67
N ASN A 68 -4.01 -10.06 -7.32
CA ASN A 68 -2.81 -9.21 -7.49
C ASN A 68 -2.53 -8.51 -6.15
N ALA A 69 -1.89 -9.23 -5.22
CA ALA A 69 -1.49 -8.75 -3.88
C ALA A 69 -0.25 -9.54 -3.38
N SER A 70 0.58 -8.88 -2.57
CA SER A 70 1.87 -9.40 -2.04
C SER A 70 1.98 -9.10 -0.54
N LEU A 71 2.51 -10.05 0.23
CA LEU A 71 2.88 -9.85 1.65
C LEU A 71 4.32 -9.38 1.76
N ILE A 72 4.55 -8.12 2.14
CA ILE A 72 5.88 -7.57 2.46
C ILE A 72 6.11 -7.83 3.97
N LYS A 73 7.06 -8.70 4.35
CA LYS A 73 7.38 -9.02 5.77
C LYS A 73 8.75 -8.46 6.15
N MET A 74 8.78 -7.43 7.01
CA MET A 74 10.04 -6.74 7.38
C MET A 74 10.47 -7.29 8.76
N GLU A 75 11.48 -8.15 8.77
CA GLU A 75 11.83 -9.00 9.92
C GLU A 75 12.37 -8.17 11.08
N GLU A 76 13.34 -7.30 10.83
CA GLU A 76 13.94 -6.48 11.91
C GLU A 76 12.98 -5.40 12.43
N ALA A 77 12.22 -4.76 11.54
CA ALA A 77 11.21 -3.76 11.92
C ALA A 77 10.03 -4.43 12.61
N GLN A 78 9.78 -5.74 12.40
CA GLN A 78 8.60 -6.42 12.98
C GLN A 78 7.33 -5.74 12.47
N ARG A 79 7.25 -5.44 11.18
CA ARG A 79 6.00 -4.99 10.51
C ARG A 79 5.76 -5.86 9.27
N SER A 80 4.49 -6.10 8.99
CA SER A 80 3.96 -6.74 7.75
C SER A 80 2.99 -5.78 7.06
N TYR A 81 3.01 -5.76 5.73
CA TYR A 81 2.04 -5.03 4.88
C TYR A 81 1.62 -5.91 3.73
N ILE A 82 0.34 -5.84 3.35
CA ILE A 82 -0.13 -6.33 2.04
C ILE A 82 -0.24 -5.14 1.11
N LEU A 83 0.44 -5.21 -0.03
CA LEU A 83 0.39 -4.21 -1.12
C LEU A 83 -0.36 -4.85 -2.28
N THR A 84 -1.42 -4.16 -2.75
CA THR A 84 -2.34 -4.69 -3.79
C THR A 84 -2.68 -3.56 -4.77
N GLN A 85 -3.19 -3.93 -5.91
CA GLN A 85 -3.65 -2.94 -6.92
C GLN A 85 -5.03 -2.38 -6.49
N GLY A 86 -5.38 -1.23 -7.00
CA GLY A 86 -6.79 -0.76 -7.04
C GLY A 86 -7.72 -1.86 -7.56
N PRO A 87 -8.76 -2.26 -6.81
CA PRO A 87 -9.69 -3.26 -7.28
C PRO A 87 -10.31 -2.91 -8.64
N LEU A 88 -10.55 -3.97 -9.42
CA LEU A 88 -11.26 -3.92 -10.71
C LEU A 88 -12.74 -4.27 -10.47
N PRO A 89 -13.61 -3.91 -11.45
CA PRO A 89 -15.00 -4.30 -11.42
C PRO A 89 -15.17 -5.79 -11.09
N ASN A 90 -14.35 -6.67 -11.66
CA ASN A 90 -14.52 -8.12 -11.34
C ASN A 90 -13.64 -8.61 -10.16
N THR A 91 -12.88 -7.77 -9.47
CA THR A 91 -12.10 -8.24 -8.29
C THR A 91 -12.53 -7.53 -7.00
N VAL A 92 -13.64 -6.77 -7.00
CA VAL A 92 -14.08 -6.07 -5.74
C VAL A 92 -14.40 -7.13 -4.67
N GLY A 93 -15.05 -8.24 -5.04
CA GLY A 93 -15.44 -9.28 -4.08
C GLY A 93 -14.19 -9.96 -3.52
N HIS A 94 -13.20 -10.24 -4.38
CA HIS A 94 -11.89 -10.84 -4.00
C HIS A 94 -11.20 -9.94 -2.99
N PHE A 95 -11.14 -8.64 -3.28
CA PHE A 95 -10.52 -7.65 -2.36
C PHE A 95 -11.08 -7.80 -0.95
N TRP A 96 -12.41 -7.85 -0.78
CA TRP A 96 -13.02 -7.82 0.57
C TRP A 96 -12.86 -9.23 1.17
N GLU A 97 -12.82 -10.26 0.32
CA GLU A 97 -12.51 -11.62 0.81
C GLU A 97 -11.11 -11.65 1.46
N MET A 98 -10.13 -11.03 0.80
CA MET A 98 -8.73 -10.97 1.31
C MET A 98 -8.74 -10.24 2.65
N VAL A 99 -9.41 -9.07 2.73
CA VAL A 99 -9.46 -8.26 3.99
C VAL A 99 -9.99 -9.17 5.11
N TRP A 100 -11.04 -9.92 4.83
CA TRP A 100 -11.65 -10.86 5.80
C TRP A 100 -10.63 -11.95 6.21
N GLU A 101 -10.12 -12.69 5.22
CA GLU A 101 -9.28 -13.90 5.47
C GLU A 101 -7.98 -13.55 6.19
N GLN A 102 -7.37 -12.42 5.87
CA GLN A 102 -6.07 -11.98 6.47
C GLN A 102 -6.29 -11.23 7.79
N LYS A 103 -7.54 -10.94 8.21
CA LYS A 103 -7.88 -10.28 9.52
C LYS A 103 -7.36 -8.85 9.60
N SER A 104 -7.22 -8.16 8.48
CA SER A 104 -6.81 -6.75 8.48
C SER A 104 -7.84 -5.90 9.26
N ARG A 105 -7.34 -4.87 9.91
CA ARG A 105 -8.11 -3.84 10.66
C ARG A 105 -8.31 -2.59 9.78
N GLY A 106 -7.33 -2.25 8.95
CA GLY A 106 -7.30 -1.03 8.12
C GLY A 106 -7.02 -1.30 6.66
N VAL A 107 -7.57 -0.43 5.81
CA VAL A 107 -7.30 -0.29 4.35
C VAL A 107 -6.76 1.13 4.17
N VAL A 108 -5.62 1.28 3.52
CA VAL A 108 -5.03 2.59 3.18
C VAL A 108 -5.13 2.79 1.65
N MET A 109 -5.75 3.88 1.21
CA MET A 109 -6.01 4.19 -0.21
C MET A 109 -5.32 5.50 -0.54
N LEU A 110 -4.40 5.50 -1.50
CA LEU A 110 -3.51 6.66 -1.75
C LEU A 110 -3.85 7.33 -3.10
N ASN A 111 -4.98 6.96 -3.70
CA ASN A 111 -5.40 7.52 -5.01
C ASN A 111 -6.87 7.93 -4.96
N ARG A 112 -7.31 8.66 -5.99
CA ARG A 112 -8.75 9.01 -6.21
C ARG A 112 -9.27 8.03 -7.24
N VAL A 113 -10.58 7.73 -7.19
CA VAL A 113 -11.27 6.84 -8.17
C VAL A 113 -11.01 7.37 -9.60
N MET A 114 -11.06 8.68 -9.81
CA MET A 114 -10.73 9.26 -11.14
C MET A 114 -9.54 10.19 -11.00
N GLU A 115 -8.50 9.97 -11.81
CA GLU A 115 -7.36 10.93 -11.91
C GLU A 115 -7.00 11.08 -13.40
N LYS A 116 -6.62 12.30 -13.82
CA LYS A 116 -6.22 12.56 -15.22
C LYS A 116 -7.37 12.21 -16.17
N GLY A 117 -8.62 12.37 -15.74
CA GLY A 117 -9.80 12.04 -16.55
C GLY A 117 -10.03 10.55 -16.84
N SER A 118 -9.35 9.60 -16.17
CA SER A 118 -9.54 8.13 -16.37
C SER A 118 -9.81 7.43 -15.04
N LEU A 119 -10.46 6.27 -15.06
CA LEU A 119 -10.76 5.50 -13.82
C LEU A 119 -9.50 4.76 -13.36
N LYS A 120 -9.06 4.97 -12.11
CA LYS A 120 -7.84 4.36 -11.52
C LYS A 120 -8.18 3.18 -10.60
N CYS A 121 -9.43 3.09 -10.15
CA CYS A 121 -9.96 1.91 -9.42
C CYS A 121 -11.48 2.00 -9.24
N ALA A 122 -12.09 0.86 -8.98
CA ALA A 122 -13.54 0.70 -8.84
C ALA A 122 -13.98 1.46 -7.59
N GLN A 123 -15.26 1.85 -7.56
CA GLN A 123 -15.93 2.41 -6.37
C GLN A 123 -16.34 1.21 -5.50
N TYR A 124 -15.47 0.79 -4.57
CA TYR A 124 -15.49 -0.53 -3.90
C TYR A 124 -16.06 -0.43 -2.47
N TRP A 125 -16.42 0.78 -2.04
CA TRP A 125 -17.06 1.03 -0.71
C TRP A 125 -18.32 1.88 -0.87
N PRO A 126 -19.29 1.73 0.05
CA PRO A 126 -20.57 2.48 -0.01
C PRO A 126 -20.45 3.94 0.42
N GLN A 127 -21.16 4.79 -0.30
CA GLN A 127 -21.03 6.27 -0.16
C GLN A 127 -22.12 6.79 0.79
N LYS A 128 -23.19 6.01 1.04
CA LYS A 128 -24.32 6.40 1.90
C LYS A 128 -24.67 5.28 2.86
N GLU A 129 -24.93 5.65 4.12
CA GLU A 129 -25.28 4.74 5.24
C GLU A 129 -26.36 3.76 4.79
N GLU A 130 -27.40 4.28 4.16
CA GLU A 130 -28.62 3.45 3.91
C GLU A 130 -28.52 2.65 2.59
N LYS A 131 -27.41 2.72 1.86
CA LYS A 131 -27.20 1.95 0.58
C LYS A 131 -25.95 1.05 0.71
N GLU A 132 -26.10 -0.08 1.38
CA GLU A 132 -24.99 -0.99 1.66
C GLU A 132 -24.63 -1.77 0.37
N MET A 133 -23.46 -2.40 0.32
CA MET A 133 -23.01 -3.21 -0.86
C MET A 133 -23.01 -4.67 -0.46
N ILE A 134 -23.38 -5.51 -1.40
CA ILE A 134 -23.33 -6.99 -1.24
C ILE A 134 -22.49 -7.56 -2.38
N PHE A 135 -21.52 -8.42 -2.05
CA PHE A 135 -20.60 -9.07 -3.02
C PHE A 135 -21.02 -10.54 -3.08
N GLU A 136 -21.81 -10.88 -4.08
CA GLU A 136 -22.53 -12.18 -4.12
C GLU A 136 -21.52 -13.31 -4.35
N ASP A 137 -20.49 -13.04 -5.16
CA ASP A 137 -19.44 -14.04 -5.51
C ASP A 137 -18.71 -14.49 -4.23
N THR A 138 -18.53 -13.62 -3.20
CA THR A 138 -17.76 -13.95 -1.97
C THR A 138 -18.63 -13.92 -0.71
N ASN A 139 -19.94 -13.65 -0.83
CA ASN A 139 -20.89 -13.76 0.29
C ASN A 139 -20.50 -12.81 1.44
N LEU A 140 -20.21 -11.54 1.12
CA LEU A 140 -19.88 -10.48 2.11
C LEU A 140 -20.84 -9.29 1.96
N LYS A 141 -21.08 -8.59 3.06
CA LYS A 141 -21.89 -7.34 3.08
C LYS A 141 -21.06 -6.24 3.73
N LEU A 142 -21.10 -5.06 3.12
CA LEU A 142 -20.30 -3.88 3.53
C LEU A 142 -21.26 -2.68 3.73
N THR A 143 -21.19 -2.05 4.90
CA THR A 143 -22.04 -0.87 5.28
C THR A 143 -21.20 0.32 5.73
N LEU A 144 -21.47 1.51 5.20
CA LEU A 144 -20.85 2.74 5.72
C LEU A 144 -21.47 3.07 7.09
N ILE A 145 -20.65 3.18 8.14
CA ILE A 145 -21.07 3.48 9.54
C ILE A 145 -20.85 4.98 9.78
N SER A 146 -19.72 5.56 9.41
CA SER A 146 -19.43 7.00 9.66
C SER A 146 -18.31 7.43 8.74
N GLU A 147 -18.17 8.74 8.59
CA GLU A 147 -17.28 9.39 7.60
C GLU A 147 -16.80 10.69 8.26
N ASP A 148 -15.50 10.92 8.29
CA ASP A 148 -14.85 12.14 8.85
C ASP A 148 -13.95 12.69 7.75
N ILE A 149 -14.38 13.76 7.09
CA ILE A 149 -13.70 14.35 5.90
C ILE A 149 -12.86 15.54 6.39
N LYS A 150 -11.53 15.50 6.17
CA LYS A 150 -10.60 16.59 6.52
C LYS A 150 -10.01 17.12 5.23
N SER A 151 -9.08 18.07 5.33
CA SER A 151 -8.53 18.81 4.16
C SER A 151 -7.65 17.87 3.30
N TYR A 152 -6.87 16.98 3.91
CA TYR A 152 -5.85 16.17 3.18
C TYR A 152 -6.23 14.68 3.11
N TYR A 153 -7.16 14.24 3.95
CA TYR A 153 -7.55 12.80 4.12
C TYR A 153 -8.97 12.67 4.68
N THR A 154 -9.62 11.54 4.40
CA THR A 154 -10.93 11.15 4.94
C THR A 154 -10.79 9.79 5.64
N VAL A 155 -11.35 9.68 6.84
CA VAL A 155 -11.43 8.40 7.62
C VAL A 155 -12.88 7.92 7.62
N ARG A 156 -13.09 6.66 7.26
CA ARG A 156 -14.42 6.02 7.23
C ARG A 156 -14.40 4.78 8.13
N GLN A 157 -15.47 4.62 8.90
CA GLN A 157 -15.76 3.39 9.66
C GLN A 157 -16.71 2.55 8.82
N LEU A 158 -16.31 1.32 8.52
CA LEU A 158 -17.09 0.39 7.71
C LEU A 158 -17.36 -0.84 8.57
N GLU A 159 -18.46 -1.52 8.30
CA GLU A 159 -18.81 -2.82 8.89
C GLU A 159 -18.83 -3.86 7.78
N LEU A 160 -17.98 -4.88 7.92
CA LEU A 160 -17.84 -6.01 6.97
C LEU A 160 -18.45 -7.23 7.66
N GLU A 161 -19.43 -7.83 7.00
CA GLU A 161 -20.19 -8.98 7.54
C GLU A 161 -19.99 -10.20 6.65
N ASN A 162 -19.55 -11.28 7.26
CA ASN A 162 -19.42 -12.59 6.57
C ASN A 162 -20.82 -13.22 6.58
N LEU A 163 -21.56 -13.10 5.48
CA LEU A 163 -22.99 -13.52 5.40
C LEU A 163 -23.13 -15.02 5.67
N THR A 164 -22.02 -15.78 5.60
CA THR A 164 -21.99 -17.25 5.82
C THR A 164 -22.12 -17.56 7.32
N THR A 165 -21.48 -16.78 8.19
CA THR A 165 -21.36 -17.02 9.64
C THR A 165 -22.06 -15.92 10.45
N GLN A 166 -22.35 -14.78 9.81
CA GLN A 166 -23.00 -13.60 10.44
C GLN A 166 -22.07 -12.96 11.47
N GLU A 167 -20.78 -13.29 11.45
CA GLU A 167 -19.75 -12.48 12.15
C GLU A 167 -19.63 -11.11 11.46
N THR A 168 -19.34 -10.07 12.21
CA THR A 168 -19.05 -8.71 11.71
C THR A 168 -17.71 -8.26 12.29
N ARG A 169 -17.04 -7.36 11.56
CA ARG A 169 -15.83 -6.64 12.03
C ARG A 169 -15.94 -5.19 11.59
N GLU A 170 -15.35 -4.30 12.39
CA GLU A 170 -15.10 -2.90 12.04
C GLU A 170 -13.79 -2.81 11.24
N ILE A 171 -13.86 -2.27 10.02
CA ILE A 171 -12.69 -1.93 9.17
C ILE A 171 -12.58 -0.40 9.12
N LEU A 172 -11.40 0.16 9.32
CA LEU A 172 -11.10 1.59 9.09
C LEU A 172 -10.55 1.81 7.68
N HIS A 173 -11.13 2.72 6.92
CA HIS A 173 -10.70 3.15 5.57
C HIS A 173 -10.00 4.50 5.72
N PHE A 174 -8.68 4.52 5.54
CA PHE A 174 -7.86 5.75 5.53
C PHE A 174 -7.61 6.11 4.05
N HIS A 175 -8.17 7.23 3.59
CA HIS A 175 -8.12 7.67 2.18
C HIS A 175 -7.37 8.97 2.11
N TYR A 176 -6.14 8.94 1.60
CA TYR A 176 -5.34 10.15 1.27
C TYR A 176 -5.92 10.70 -0.03
N THR A 177 -6.41 11.94 -0.02
CA THR A 177 -7.22 12.50 -1.17
C THR A 177 -6.50 13.60 -1.95
N THR A 178 -5.27 13.98 -1.59
CA THR A 178 -4.63 15.20 -2.16
C THR A 178 -3.29 14.89 -2.84
N TRP A 179 -2.94 13.61 -3.10
CA TRP A 179 -1.73 13.37 -3.92
C TRP A 179 -1.98 13.97 -5.30
N PRO A 180 -1.10 14.83 -5.85
CA PRO A 180 -1.39 15.47 -7.14
C PRO A 180 -1.39 14.50 -8.33
N ASP A 181 -2.16 14.82 -9.38
CA ASP A 181 -2.27 14.03 -10.64
C ASP A 181 -0.88 13.78 -11.25
N PHE A 182 0.04 14.75 -11.23
CA PHE A 182 1.44 14.62 -11.72
C PHE A 182 2.42 14.92 -10.59
N GLY A 183 3.59 14.28 -10.63
CA GLY A 183 4.66 14.52 -9.64
C GLY A 183 4.33 13.99 -8.25
N VAL A 184 4.84 14.66 -7.22
CA VAL A 184 4.77 14.23 -5.78
C VAL A 184 4.45 15.47 -4.98
N PRO A 185 3.96 15.38 -3.74
CA PRO A 185 3.69 16.59 -2.97
C PRO A 185 4.95 17.44 -2.79
N GLU A 186 4.76 18.75 -2.66
CA GLU A 186 5.90 19.69 -2.47
C GLU A 186 6.52 19.49 -1.08
N SER A 187 5.68 19.27 -0.06
CA SER A 187 6.09 19.03 1.34
C SER A 187 5.44 17.74 1.85
N PRO A 188 6.18 16.87 2.59
CA PRO A 188 5.62 15.64 3.13
C PRO A 188 4.82 15.82 4.43
N ALA A 189 4.70 17.07 4.90
CA ALA A 189 4.00 17.36 6.17
C ALA A 189 2.68 16.58 6.20
N SER A 190 1.86 16.68 5.16
CA SER A 190 0.48 16.12 5.22
C SER A 190 0.53 14.59 5.05
N PHE A 191 1.48 14.07 4.28
CA PHE A 191 1.69 12.62 4.12
C PHE A 191 2.10 12.00 5.49
N LEU A 192 3.05 12.63 6.17
CA LEU A 192 3.54 12.15 7.49
C LEU A 192 2.37 12.15 8.48
N ASN A 193 1.66 13.28 8.63
CA ASN A 193 0.48 13.35 9.55
C ASN A 193 -0.51 12.24 9.20
N PHE A 194 -0.78 11.99 7.91
CA PHE A 194 -1.67 10.86 7.50
C PHE A 194 -1.11 9.54 8.08
N LEU A 195 0.19 9.33 7.93
CA LEU A 195 0.86 8.05 8.40
C LEU A 195 0.67 7.89 9.91
N PHE A 196 0.85 8.97 10.68
CA PHE A 196 0.77 8.88 12.16
C PHE A 196 -0.72 8.77 12.58
N LYS A 197 -1.67 9.14 11.72
CA LYS A 197 -3.13 8.84 11.96
C LYS A 197 -3.39 7.35 11.78
N VAL A 198 -2.78 6.73 10.75
CA VAL A 198 -2.95 5.26 10.56
C VAL A 198 -2.35 4.53 11.78
N ARG A 199 -1.15 4.92 12.23
CA ARG A 199 -0.51 4.25 13.40
C ARG A 199 -1.42 4.40 14.61
N GLU A 200 -1.79 5.64 14.99
CA GLU A 200 -2.69 5.93 16.13
C GLU A 200 -3.84 4.91 16.18
N SER A 201 -4.29 4.45 15.02
CA SER A 201 -5.55 3.66 14.90
C SER A 201 -5.38 2.25 15.42
N GLY A 202 -4.13 1.77 15.53
CA GLY A 202 -3.90 0.33 15.79
C GLY A 202 -3.80 -0.53 14.53
N SER A 203 -4.03 0.00 13.31
CA SER A 203 -4.12 -0.78 12.06
C SER A 203 -2.77 -1.44 11.68
N LEU A 204 -1.65 -0.87 12.12
CA LEU A 204 -0.27 -1.32 11.76
C LEU A 204 0.30 -2.24 12.83
N SER A 205 -0.49 -2.56 13.85
CA SER A 205 -0.04 -3.21 15.10
C SER A 205 -0.20 -4.74 15.02
N PRO A 206 0.69 -5.51 15.70
CA PRO A 206 0.71 -6.97 15.57
C PRO A 206 -0.50 -7.71 16.13
N GLU A 207 -1.34 -7.06 16.92
CA GLU A 207 -2.60 -7.73 17.35
C GLU A 207 -3.62 -7.82 16.19
N HIS A 208 -3.39 -7.24 15.02
CA HIS A 208 -4.30 -7.44 13.85
C HIS A 208 -3.48 -8.13 12.73
N GLY A 209 -4.15 -8.67 11.74
CA GLY A 209 -3.55 -8.97 10.43
C GLY A 209 -2.92 -7.74 9.77
N PRO A 210 -2.11 -7.95 8.71
CA PRO A 210 -1.45 -6.85 8.00
C PRO A 210 -2.45 -5.86 7.42
N VAL A 211 -2.07 -4.60 7.48
CA VAL A 211 -2.74 -3.50 6.77
C VAL A 211 -2.73 -3.81 5.26
N VAL A 212 -3.84 -3.51 4.56
CA VAL A 212 -3.92 -3.55 3.08
C VAL A 212 -3.65 -2.14 2.58
N VAL A 213 -2.60 -1.97 1.77
CA VAL A 213 -2.31 -0.65 1.14
C VAL A 213 -2.39 -0.74 -0.39
N HIS A 214 -2.96 0.29 -1.02
CA HIS A 214 -3.14 0.35 -2.48
C HIS A 214 -3.13 1.76 -3.04
N CYS A 215 -2.75 1.83 -4.31
CA CYS A 215 -2.91 3.03 -5.18
C CYS A 215 -3.53 2.49 -6.46
N SER A 216 -3.12 2.93 -7.65
CA SER A 216 -3.63 2.29 -8.89
C SER A 216 -2.91 0.95 -9.14
N ALA A 217 -1.58 0.97 -9.23
CA ALA A 217 -0.80 -0.27 -9.49
C ALA A 217 -0.41 -0.99 -8.20
N GLY A 218 -0.32 -0.30 -7.06
CA GLY A 218 0.12 -0.91 -5.78
C GLY A 218 1.65 -1.01 -5.65
N ILE A 219 2.42 -0.10 -6.25
CA ILE A 219 3.92 -0.11 -6.20
C ILE A 219 4.48 1.29 -5.98
N GLY A 220 3.87 2.35 -6.52
CA GLY A 220 4.41 3.72 -6.48
C GLY A 220 4.16 4.41 -5.15
N ARG A 221 3.01 5.07 -5.02
CA ARG A 221 2.57 5.72 -3.75
C ARG A 221 2.54 4.69 -2.61
N SER A 222 2.03 3.47 -2.87
CA SER A 222 1.98 2.37 -1.89
C SER A 222 3.42 2.08 -1.39
N GLY A 223 4.39 2.04 -2.31
CA GLY A 223 5.81 1.84 -1.97
C GLY A 223 6.30 2.92 -1.00
N THR A 224 6.00 4.17 -1.29
CA THR A 224 6.43 5.34 -0.49
C THR A 224 5.88 5.18 0.94
N PHE A 225 4.63 4.78 1.09
CA PHE A 225 3.99 4.65 2.41
C PHE A 225 4.76 3.64 3.29
N CYS A 226 5.06 2.43 2.79
CA CYS A 226 5.62 1.35 3.64
C CYS A 226 7.13 1.55 3.81
N LEU A 227 7.86 2.11 2.83
CA LEU A 227 9.29 2.50 2.99
C LEU A 227 9.46 3.52 4.13
N ALA A 228 8.66 4.59 4.14
CA ALA A 228 8.76 5.65 5.18
C ALA A 228 8.43 5.07 6.55
N ASP A 229 7.33 4.33 6.67
CA ASP A 229 6.92 3.75 7.97
C ASP A 229 8.10 2.92 8.52
N THR A 230 8.58 1.95 7.72
CA THR A 230 9.60 0.97 8.13
C THR A 230 10.88 1.71 8.51
N CYS A 231 11.32 2.65 7.68
CA CYS A 231 12.59 3.38 7.89
C CYS A 231 12.54 4.18 9.21
N LEU A 232 11.42 4.85 9.49
CA LEU A 232 11.26 5.67 10.73
C LEU A 232 11.35 4.74 11.94
N LEU A 233 10.66 3.60 11.93
CA LEU A 233 10.58 2.72 13.13
C LEU A 233 11.95 2.04 13.33
N LEU A 234 12.66 1.68 12.26
CA LEU A 234 14.06 1.20 12.41
C LEU A 234 14.89 2.27 13.16
N MET A 235 14.67 3.54 12.85
CA MET A 235 15.39 4.66 13.51
C MET A 235 15.03 4.73 15.01
N ASP A 236 13.81 4.34 15.37
CA ASP A 236 13.35 4.34 16.79
C ASP A 236 13.97 3.15 17.54
N LYS A 237 14.49 2.14 16.82
CA LYS A 237 14.87 0.84 17.41
C LYS A 237 16.40 0.73 17.55
N ARG A 238 17.17 1.00 16.50
CA ARG A 238 18.63 0.73 16.47
C ARG A 238 19.38 1.77 17.32
N LYS A 239 20.52 1.40 17.87
CA LYS A 239 21.30 2.24 18.82
C LYS A 239 21.90 3.45 18.07
N ASP A 240 21.75 3.49 16.73
CA ASP A 240 22.38 4.53 15.86
C ASP A 240 21.48 4.83 14.67
N PRO A 241 20.52 5.78 14.76
CA PRO A 241 19.56 6.02 13.68
C PRO A 241 20.22 6.34 12.33
N SER A 242 21.50 6.70 12.34
CA SER A 242 22.28 7.04 11.12
C SER A 242 22.62 5.76 10.36
N SER A 243 22.52 4.59 10.99
CA SER A 243 22.80 3.30 10.31
C SER A 243 21.63 2.91 9.39
N VAL A 244 20.61 3.75 9.26
CA VAL A 244 19.39 3.30 8.50
C VAL A 244 19.62 3.70 7.06
N ASP A 245 19.76 2.72 6.18
CA ASP A 245 20.12 2.95 4.76
C ASP A 245 18.83 2.76 3.92
N ILE A 246 18.26 3.84 3.45
CA ILE A 246 16.89 3.78 2.82
C ILE A 246 16.96 2.95 1.53
N LYS A 247 18.02 3.08 0.75
CA LYS A 247 18.24 2.27 -0.49
C LYS A 247 18.26 0.77 -0.15
N LYS A 248 18.87 0.37 0.97
CA LYS A 248 18.97 -1.05 1.40
C LYS A 248 17.61 -1.55 1.89
N VAL A 249 16.85 -0.71 2.57
CA VAL A 249 15.47 -1.08 2.99
C VAL A 249 14.61 -1.29 1.75
N LEU A 250 14.66 -0.37 0.79
CA LEU A 250 13.89 -0.48 -0.49
C LEU A 250 14.27 -1.79 -1.23
N LEU A 251 15.56 -2.13 -1.34
CA LEU A 251 15.93 -3.41 -2.05
C LEU A 251 15.42 -4.62 -1.29
N GLU A 252 15.44 -4.59 0.05
CA GLU A 252 14.83 -5.67 0.87
C GLU A 252 13.33 -5.80 0.56
N MET A 253 12.60 -4.69 0.51
CA MET A 253 11.12 -4.68 0.26
C MET A 253 10.88 -5.20 -1.16
N ARG A 254 11.80 -4.91 -2.10
CA ARG A 254 11.65 -5.31 -3.53
C ARG A 254 11.93 -6.80 -3.69
N LYS A 255 12.37 -7.52 -2.66
CA LYS A 255 12.37 -9.01 -2.73
C LYS A 255 10.95 -9.54 -2.68
N PHE A 256 9.98 -8.73 -2.20
CA PHE A 256 8.61 -9.23 -1.94
C PHE A 256 7.59 -8.74 -2.98
N ARG A 257 7.79 -7.59 -3.61
CA ARG A 257 6.94 -7.07 -4.70
C ARG A 257 7.84 -6.24 -5.63
N MET A 258 7.68 -6.43 -6.95
CA MET A 258 8.45 -5.71 -8.00
C MET A 258 8.04 -4.23 -8.05
N GLY A 259 8.97 -3.38 -8.44
CA GLY A 259 8.72 -2.02 -8.94
C GLY A 259 8.44 -0.98 -7.85
N LEU A 260 8.56 -1.32 -6.56
CA LEU A 260 8.21 -0.41 -5.45
C LEU A 260 9.05 0.86 -5.61
N ILE A 261 8.37 2.02 -5.64
CA ILE A 261 8.93 3.35 -5.98
C ILE A 261 9.12 3.40 -7.49
N GLN A 262 8.29 4.19 -8.18
CA GLN A 262 8.13 4.13 -9.67
C GLN A 262 9.03 5.17 -10.38
N THR A 263 9.46 6.22 -9.70
CA THR A 263 10.18 7.36 -10.33
C THR A 263 11.27 7.88 -9.39
N ALA A 264 12.18 8.69 -9.93
CA ALA A 264 13.29 9.33 -9.18
C ALA A 264 12.72 10.39 -8.26
N ASP A 265 11.60 11.04 -8.64
CA ASP A 265 10.90 12.03 -7.77
C ASP A 265 10.27 11.34 -6.54
N GLN A 266 9.76 10.11 -6.68
CA GLN A 266 9.14 9.36 -5.55
C GLN A 266 10.28 8.94 -4.60
N LEU A 267 11.41 8.51 -5.15
CA LEU A 267 12.61 8.17 -4.31
C LEU A 267 13.02 9.40 -3.51
N ARG A 268 13.13 10.57 -4.15
CA ARG A 268 13.53 11.82 -3.45
C ARG A 268 12.53 12.18 -2.37
N PHE A 269 11.23 12.05 -2.68
CA PHE A 269 10.12 12.39 -1.74
C PHE A 269 10.20 11.46 -0.51
N SER A 270 10.55 10.18 -0.71
CA SER A 270 10.68 9.16 0.39
C SER A 270 11.77 9.63 1.35
N TYR A 271 12.91 10.02 0.83
CA TYR A 271 14.01 10.60 1.65
C TYR A 271 13.49 11.77 2.47
N LEU A 272 12.79 12.70 1.79
CA LEU A 272 12.21 13.93 2.39
C LEU A 272 11.23 13.54 3.51
N ALA A 273 10.48 12.46 3.31
CA ALA A 273 9.49 11.97 4.29
C ALA A 273 10.24 11.45 5.53
N VAL A 274 11.28 10.64 5.34
CA VAL A 274 12.07 10.03 6.45
C VAL A 274 12.87 11.14 7.13
N ILE A 275 13.61 11.94 6.35
CA ILE A 275 14.43 13.07 6.88
C ILE A 275 13.53 13.93 7.78
N GLU A 276 12.41 14.43 7.26
CA GLU A 276 11.52 15.35 8.01
C GLU A 276 10.88 14.59 9.18
N GLY A 277 10.50 13.33 8.95
CA GLY A 277 9.86 12.47 9.96
C GLY A 277 10.75 12.24 11.16
N ALA A 278 12.08 12.30 11.00
CA ALA A 278 13.08 12.03 12.06
C ALA A 278 13.15 13.22 13.03
N LYS A 279 12.58 14.37 12.66
CA LYS A 279 12.54 15.60 13.50
C LYS A 279 11.26 15.59 14.35
C TRS B . 8.35 -17.35 1.86
C1 TRS B . 8.71 -16.23 0.87
C2 TRS B . 9.28 -17.31 3.08
C3 TRS B . 8.44 -18.69 1.17
N TRS B . 6.93 -17.19 2.35
O1 TRS B . 8.23 -14.93 1.25
O2 TRS B . 10.18 -16.22 3.05
O3 TRS B . 7.46 -18.78 0.10
H11 TRS B . 8.32 -16.45 -0.01
H12 TRS B . 9.68 -16.18 0.76
H21 TRS B . 9.79 -18.16 3.12
H22 TRS B . 8.74 -17.26 3.90
H31 TRS B . 8.28 -19.41 1.82
H32 TRS B . 9.34 -18.81 0.80
HN1 TRS B . 6.51 -17.99 2.41
HN2 TRS B . 6.45 -16.66 1.78
HN3 TRS B . 6.89 -16.79 3.17
HO1 TRS B . 8.15 -14.19 0.58
HO2 TRS B . 10.38 -15.67 3.76
HO3 TRS B . 6.92 -18.13 0.14
N1 LV7 C . 1.85 12.39 15.63
C4 LV7 C . 4.15 14.54 11.45
C5 LV7 C . 2.94 14.80 12.07
C6 LV7 C . 2.64 14.17 13.28
C7 LV7 C . 3.50 13.27 13.90
C8 LV7 C . 3.21 12.57 15.21
N LV7 C . 5.73 12.09 13.77
C LV7 C . 8.03 11.33 14.49
O LV7 C . 7.51 13.57 13.74
C1 LV7 C . 7.09 12.45 13.96
C2 LV7 C . 4.74 12.99 13.27
C3 LV7 C . 5.03 13.64 12.04
N2 LV7 C . 1.64 11.74 16.86
O1 LV7 C . 4.09 12.14 15.90
H1 LV7 C . 1.08 12.73 15.10
H2 LV7 C . 4.40 15.02 10.49
H3 LV7 C . 2.25 15.51 11.61
H4 LV7 C . 1.67 14.43 13.72
H5 LV7 C . 5.45 11.16 13.97
H6 LV7 C . 7.55 10.42 14.83
H7 LV7 C . 8.66 11.69 15.32
H8 LV7 C . 8.76 11.04 13.72
H9 LV7 C . 5.97 13.46 11.50
H10 LV7 C . 1.08 10.89 16.70
H11 LV7 C . 2.55 11.40 17.21
#